data_2XCN
#
_entry.id   2XCN
#
_cell.length_a   231.370
_cell.length_b   231.370
_cell.length_c   75.667
_cell.angle_alpha   90.00
_cell.angle_beta   90.00
_cell.angle_gamma   120.00
#
_symmetry.space_group_name_H-M   'H 3 2'
#
loop_
_entity.id
_entity.type
_entity.pdbx_description
1 polymer 'NS3 PROTEASE'
2 polymer NS4A
3 non-polymer N-[(CYCLOPENTYLOXY)CARBONYL]-3-METHYL-L-VALYL-(4R)-N-{(1R)-3-HYDROXY-1-[HYDROXY(OXIDO)BORANYL]PROPYL}-4-(ISOQUINOLIN-1-YLOXY)-L-PROLINAMIDE
4 non-polymer 'MAGNESIUM ION'
5 non-polymer 'ZINC ION'
6 water water
#
loop_
_entity_poly.entity_id
_entity_poly.type
_entity_poly.pdbx_seq_one_letter_code
_entity_poly.pdbx_strand_id
1 'polypeptide(L)'
;ASMTGGQQMGAPITAYAQQTRGLLGCIITSLTGRDKNQVEGEVQIVSTATQTFLATCINGVCWTVYHGAGTRTIASPKGP
VIQMYTNVDQDLVGWPAPQGSRSLTPCTCGSSDLYLVTRHADVIPVRRRGDSRGSLLSPRPISYLKGSSGGPLLCPAGHA
VGLFRAAVCTRGVAKAVDFIPVENLETTMRGSHHHHHH
;
A,B
2 'polypeptide(L)' KKGSVVIVGRIVLSGKPAIIPKK C,D
#
# COMPACT_ATOMS: atom_id res chain seq x y z
N ALA A 11 -3.06 -9.11 -2.76
CA ALA A 11 -3.71 -8.78 -1.43
C ALA A 11 -3.00 -9.39 -0.20
N PRO A 12 -2.72 -8.56 0.83
CA PRO A 12 -3.10 -7.14 0.86
C PRO A 12 -2.26 -6.32 -0.14
N ILE A 13 -2.88 -5.32 -0.75
CA ILE A 13 -2.18 -4.43 -1.66
C ILE A 13 -1.35 -3.48 -0.84
N THR A 14 -0.03 -3.54 -1.02
CA THR A 14 0.87 -2.58 -0.42
C THR A 14 1.84 -2.14 -1.48
N ALA A 15 2.22 -0.87 -1.43
CA ALA A 15 3.05 -0.25 -2.44
C ALA A 15 4.20 0.52 -1.82
N TYR A 16 5.31 0.61 -2.54
CA TYR A 16 6.35 1.57 -2.22
C TYR A 16 6.83 2.32 -3.45
N ALA A 17 7.56 3.41 -3.22
CA ALA A 17 8.00 4.30 -4.30
C ALA A 17 9.50 4.49 -4.29
N GLN A 18 10.09 4.54 -5.48
CA GLN A 18 11.51 4.81 -5.61
C GLN A 18 11.74 5.84 -6.68
N GLN A 19 12.36 6.95 -6.32
CA GLN A 19 12.84 7.91 -7.31
C GLN A 19 14.05 7.30 -8.00
N THR A 20 14.14 7.39 -9.33
CA THR A 20 15.30 6.85 -10.05
C THR A 20 16.07 7.91 -10.80
N ARG A 21 15.57 9.14 -10.77
CA ARG A 21 16.18 10.17 -11.58
C ARG A 21 15.99 11.56 -11.04
N GLY A 22 16.95 12.44 -11.36
CA GLY A 22 16.93 13.82 -10.92
C GLY A 22 16.39 14.72 -12.00
N LEU A 23 15.99 15.93 -11.62
CA LEU A 23 15.46 16.90 -12.59
C LEU A 23 16.42 17.13 -13.77
N LEU A 24 17.70 17.34 -13.49
CA LEU A 24 18.68 17.46 -14.54
C LEU A 24 18.73 16.26 -15.48
N GLY A 25 18.84 15.06 -14.92
CA GLY A 25 18.96 13.85 -15.73
C GLY A 25 17.70 13.55 -16.50
N CYS A 26 16.57 14.00 -15.97
CA CYS A 26 15.29 13.85 -16.64
C CYS A 26 15.26 14.66 -17.94
N ILE A 27 15.69 15.92 -17.86
CA ILE A 27 15.71 16.75 -19.06
C ILE A 27 16.62 16.16 -20.13
N ILE A 28 17.88 15.89 -19.78
CA ILE A 28 18.84 15.37 -20.76
C ILE A 28 18.25 14.14 -21.47
N THR A 29 17.56 13.30 -20.69
CA THR A 29 17.02 12.02 -21.17
C THR A 29 15.78 12.21 -22.03
N SER A 30 14.95 13.18 -21.63
CA SER A 30 13.87 13.65 -22.47
C SER A 30 14.36 14.03 -23.86
N LEU A 31 15.41 14.84 -23.92
CA LEU A 31 15.91 15.33 -25.20
C LEU A 31 16.59 14.24 -26.00
N THR A 32 17.48 13.47 -25.42
CA THR A 32 18.15 12.41 -26.19
C THR A 32 17.22 11.25 -26.53
N GLY A 33 16.19 11.06 -25.69
CA GLY A 33 15.30 9.91 -25.83
C GLY A 33 15.95 8.60 -25.45
N ARG A 34 17.22 8.64 -25.04
CA ARG A 34 17.96 7.42 -24.74
C ARG A 34 18.06 7.25 -23.24
N ASP A 35 17.58 6.11 -22.75
CA ASP A 35 17.46 5.84 -21.32
C ASP A 35 17.94 4.46 -20.94
N LYS A 36 19.07 4.42 -20.24
CA LYS A 36 19.71 3.16 -19.87
C LYS A 36 19.45 2.66 -18.43
N ASN A 37 18.73 3.42 -17.62
CA ASN A 37 18.24 2.97 -16.30
C ASN A 37 17.44 1.67 -16.39
N GLN A 38 17.59 0.78 -15.41
CA GLN A 38 16.86 -0.50 -15.40
C GLN A 38 15.47 -0.26 -14.83
N VAL A 39 14.50 -1.06 -15.27
CA VAL A 39 13.10 -0.84 -14.92
C VAL A 39 12.54 -1.98 -14.10
N GLU A 40 11.81 -1.62 -13.03
CA GLU A 40 11.09 -2.58 -12.21
C GLU A 40 9.69 -2.11 -11.84
N GLY A 41 8.85 -3.06 -11.48
CA GLY A 41 7.53 -2.74 -10.92
C GLY A 41 6.42 -2.56 -11.93
N GLU A 42 5.22 -2.29 -11.45
CA GLU A 42 4.06 -2.25 -12.32
C GLU A 42 3.68 -0.85 -12.70
N VAL A 43 4.02 0.11 -11.86
CA VAL A 43 3.68 1.48 -12.16
C VAL A 43 4.96 2.29 -12.32
N GLN A 44 5.00 3.11 -13.35
CA GLN A 44 6.14 3.97 -13.57
C GLN A 44 5.74 5.38 -13.28
N ILE A 45 6.62 6.11 -12.61
CA ILE A 45 6.46 7.54 -12.42
C ILE A 45 7.15 8.23 -13.57
N VAL A 46 6.38 9.04 -14.30
CA VAL A 46 6.90 9.61 -15.54
C VAL A 46 6.67 11.09 -15.64
N SER A 47 7.62 11.75 -16.32
CA SER A 47 7.63 13.20 -16.52
C SER A 47 7.86 13.57 -17.96
N THR A 48 7.10 14.57 -18.41
CA THR A 48 7.41 15.35 -19.59
C THR A 48 8.22 16.51 -19.04
N ALA A 49 8.54 17.49 -19.89
CA ALA A 49 9.17 18.72 -19.42
C ALA A 49 8.19 19.55 -18.57
N THR A 50 6.92 19.53 -18.95
CA THR A 50 5.87 20.35 -18.31
C THR A 50 5.37 19.76 -17.01
N GLN A 51 5.03 18.46 -17.02
CA GLN A 51 4.36 17.84 -15.88
C GLN A 51 4.73 16.38 -15.67
N THR A 52 4.29 15.86 -14.53
CA THR A 52 4.61 14.52 -14.11
C THR A 52 3.39 13.78 -13.61
N PHE A 53 3.35 12.49 -13.94
CA PHE A 53 2.17 11.65 -13.75
C PHE A 53 2.56 10.17 -13.71
N LEU A 54 1.55 9.31 -13.80
CA LEU A 54 1.76 7.87 -13.65
C LEU A 54 1.49 7.10 -14.92
N ALA A 55 2.13 5.95 -15.06
CA ALA A 55 1.90 5.07 -16.20
C ALA A 55 1.86 3.64 -15.72
N THR A 56 0.83 2.91 -16.12
CA THR A 56 0.56 1.59 -15.57
C THR A 56 0.72 0.52 -16.62
N CYS A 57 1.40 -0.57 -16.28
CA CYS A 57 1.57 -1.66 -17.23
C CYS A 57 0.48 -2.68 -17.06
N ILE A 58 -0.28 -2.89 -18.11
CA ILE A 58 -1.27 -3.94 -18.11
C ILE A 58 -1.11 -4.70 -19.38
N ASN A 59 -1.04 -6.02 -19.26
CA ASN A 59 -1.00 -6.89 -20.45
C ASN A 59 0.09 -6.49 -21.40
N GLY A 60 1.31 -6.40 -20.90
CA GLY A 60 2.45 -6.09 -21.74
C GLY A 60 2.52 -4.70 -22.38
N VAL A 61 1.52 -3.86 -22.14
CA VAL A 61 1.53 -2.49 -22.63
C VAL A 61 1.58 -1.50 -21.48
N CYS A 62 2.36 -0.44 -21.65
CA CYS A 62 2.48 0.58 -20.63
C CYS A 62 1.54 1.73 -20.93
N TRP A 63 0.47 1.84 -20.14
CA TRP A 63 -0.58 2.81 -20.44
C TRP A 63 -0.43 4.06 -19.60
N THR A 64 -0.94 5.17 -20.08
CA THR A 64 -1.03 6.38 -19.28
C THR A 64 -2.03 7.35 -19.92
N VAL A 65 -2.35 8.45 -19.24
CA VAL A 65 -3.32 9.40 -19.76
C VAL A 65 -2.74 10.21 -20.90
N TYR A 66 -3.56 10.43 -21.93
CA TYR A 66 -3.17 11.17 -23.10
C TYR A 66 -2.92 12.62 -22.72
N HIS A 67 -3.74 13.14 -21.81
CA HIS A 67 -3.63 14.54 -21.42
C HIS A 67 -2.32 14.83 -20.71
N GLY A 68 -1.60 13.75 -20.37
CA GLY A 68 -0.24 13.84 -19.84
C GLY A 68 0.81 13.65 -20.93
N ALA A 69 0.73 12.55 -21.67
CA ALA A 69 1.76 12.19 -22.64
C ALA A 69 1.65 12.94 -23.96
N GLY A 70 0.43 13.41 -24.26
CA GLY A 70 0.10 13.81 -25.63
C GLY A 70 0.49 12.67 -26.56
N THR A 71 1.24 13.01 -27.61
CA THR A 71 1.62 12.04 -28.62
C THR A 71 3.11 11.73 -28.56
N ARG A 72 3.72 11.85 -27.37
CA ARG A 72 5.17 11.70 -27.25
C ARG A 72 5.67 10.27 -27.34
N THR A 73 6.92 10.11 -27.73
CA THR A 73 7.64 8.86 -27.56
C THR A 73 8.01 8.66 -26.10
N ILE A 74 8.37 7.44 -25.74
CA ILE A 74 8.94 7.21 -24.42
C ILE A 74 10.42 6.92 -24.55
N ALA A 75 11.22 7.54 -23.69
CA ALA A 75 12.66 7.28 -23.67
C ALA A 75 12.94 5.84 -23.25
N SER A 76 13.74 5.14 -24.04
CA SER A 76 14.02 3.74 -23.77
C SER A 76 15.51 3.46 -23.93
N PRO A 77 15.96 2.27 -23.52
CA PRO A 77 17.34 1.83 -23.76
C PRO A 77 17.77 1.98 -25.22
N LYS A 78 16.82 1.93 -26.16
CA LYS A 78 17.17 2.04 -27.57
C LYS A 78 16.68 3.35 -28.18
N GLY A 79 16.67 4.40 -27.38
CA GLY A 79 16.13 5.67 -27.84
C GLY A 79 14.61 5.69 -27.80
N PRO A 80 14.01 6.78 -28.29
CA PRO A 80 12.57 7.03 -28.25
C PRO A 80 11.74 5.89 -28.86
N VAL A 81 10.56 5.63 -28.27
CA VAL A 81 9.67 4.55 -28.72
C VAL A 81 8.27 5.09 -28.97
N ILE A 82 7.74 4.82 -30.16
CA ILE A 82 6.45 5.39 -30.59
C ILE A 82 5.35 4.71 -29.83
N GLN A 83 4.24 5.42 -29.64
CA GLN A 83 3.12 4.83 -28.96
C GLN A 83 2.60 3.69 -29.84
N MET A 84 2.14 2.60 -29.23
CA MET A 84 1.42 1.54 -29.97
C MET A 84 -0.03 1.94 -30.19
N TYR A 85 -0.61 2.62 -29.20
CA TYR A 85 -2.03 2.95 -29.18
C TYR A 85 -2.23 4.38 -28.75
N THR A 86 -3.24 5.02 -29.34
CA THR A 86 -3.58 6.40 -29.03
C THR A 86 -5.07 6.54 -29.18
N ASN A 87 -5.72 7.07 -28.17
CA ASN A 87 -7.15 7.24 -28.23
C ASN A 87 -7.51 8.49 -27.48
N VAL A 88 -7.50 9.60 -28.20
CA VAL A 88 -7.67 10.94 -27.62
C VAL A 88 -8.94 11.04 -26.81
N ASP A 89 -10.00 10.35 -27.25
CA ASP A 89 -11.30 10.44 -26.60
C ASP A 89 -11.44 9.68 -25.28
N GLN A 90 -10.81 8.52 -25.19
CA GLN A 90 -10.62 7.87 -23.91
C GLN A 90 -9.68 8.64 -23.01
N ASP A 91 -8.88 9.52 -23.62
CA ASP A 91 -7.80 10.23 -22.95
C ASP A 91 -6.70 9.24 -22.55
N LEU A 92 -6.41 8.33 -23.47
CA LEU A 92 -5.63 7.13 -23.19
C LEU A 92 -4.51 6.95 -24.19
N VAL A 93 -3.37 6.43 -23.71
CA VAL A 93 -2.20 6.24 -24.57
C VAL A 93 -1.36 5.03 -24.16
N GLY A 94 -0.69 4.39 -25.12
CA GLY A 94 0.06 3.17 -24.81
C GLY A 94 1.41 2.98 -25.50
N TRP A 95 2.39 2.48 -24.77
CA TRP A 95 3.68 2.05 -25.34
C TRP A 95 3.92 0.59 -24.99
N PRO A 96 4.83 -0.07 -25.72
CA PRO A 96 5.12 -1.42 -25.29
C PRO A 96 5.79 -1.36 -23.92
N ALA A 97 5.26 -2.08 -22.94
CA ALA A 97 5.86 -2.14 -21.62
C ALA A 97 7.38 -2.23 -21.71
N PRO A 98 8.10 -1.37 -20.98
CA PRO A 98 9.54 -1.37 -20.91
C PRO A 98 10.08 -2.69 -20.44
N GLN A 99 11.13 -3.15 -21.10
CA GLN A 99 11.87 -4.32 -20.65
C GLN A 99 12.09 -4.24 -19.14
N GLY A 100 11.58 -5.24 -18.42
CA GLY A 100 11.85 -5.34 -16.99
C GLY A 100 10.70 -4.93 -16.10
N SER A 101 9.70 -4.27 -16.67
CA SER A 101 8.48 -3.99 -15.91
C SER A 101 7.67 -5.28 -15.74
N ARG A 102 6.65 -5.23 -14.88
CA ARG A 102 5.69 -6.34 -14.68
C ARG A 102 4.29 -5.80 -14.96
N SER A 103 3.49 -6.56 -15.70
CA SER A 103 2.13 -6.12 -15.99
C SER A 103 1.16 -6.58 -14.95
N LEU A 104 0.14 -5.76 -14.71
CA LEU A 104 -1.06 -6.15 -13.99
C LEU A 104 -2.00 -6.89 -14.94
N THR A 105 -2.86 -7.72 -14.36
CA THR A 105 -3.95 -8.36 -15.13
C THR A 105 -5.29 -7.70 -14.80
N PRO A 106 -6.16 -7.57 -15.82
CA PRO A 106 -7.49 -6.98 -15.64
C PRO A 106 -8.32 -7.75 -14.60
N CYS A 107 -9.05 -7.02 -13.77
CA CYS A 107 -10.01 -7.59 -12.81
C CYS A 107 -11.10 -8.30 -13.55
N THR A 108 -11.49 -9.45 -13.02
CA THR A 108 -12.57 -10.25 -13.60
C THR A 108 -13.57 -10.74 -12.56
N CYS A 109 -13.29 -10.42 -11.29
CA CYS A 109 -14.27 -10.68 -10.21
C CYS A 109 -15.40 -9.66 -10.31
N GLY A 110 -15.15 -8.59 -11.06
CA GLY A 110 -16.10 -7.52 -11.20
C GLY A 110 -16.54 -6.83 -9.90
N SER A 111 -15.72 -6.91 -8.85
CA SER A 111 -16.03 -6.26 -7.55
C SER A 111 -16.27 -4.75 -7.64
N SER A 112 -16.90 -4.19 -6.61
CA SER A 112 -17.17 -2.74 -6.59
C SER A 112 -16.37 -2.02 -5.51
N ASP A 113 -15.53 -2.76 -4.80
CA ASP A 113 -14.61 -2.16 -3.84
C ASP A 113 -13.23 -2.02 -4.45
N LEU A 114 -12.89 -0.78 -4.79
CA LEU A 114 -11.66 -0.48 -5.51
C LEU A 114 -10.67 0.15 -4.59
N TYR A 115 -9.43 0.15 -5.04
CA TYR A 115 -8.30 0.71 -4.32
C TYR A 115 -7.39 1.42 -5.31
N LEU A 116 -7.19 2.71 -5.10
CA LEU A 116 -6.43 3.55 -6.02
C LEU A 116 -4.99 3.72 -5.56
N VAL A 117 -4.04 3.50 -6.46
CA VAL A 117 -2.64 3.70 -6.08
C VAL A 117 -2.17 5.08 -6.50
N THR A 118 -1.44 5.71 -5.59
CA THR A 118 -1.13 7.14 -5.59
C THR A 118 0.34 7.31 -5.95
N ARG A 119 0.72 8.44 -6.55
CA ARG A 119 2.13 8.65 -6.84
C ARG A 119 2.98 8.60 -5.57
N HIS A 120 2.38 8.85 -4.41
CA HIS A 120 3.07 8.72 -3.12
C HIS A 120 3.01 7.28 -2.56
N ALA A 121 2.53 6.34 -3.36
CA ALA A 121 2.48 4.93 -3.01
C ALA A 121 1.51 4.69 -1.89
N ASP A 122 0.39 5.40 -1.95
CA ASP A 122 -0.70 5.14 -1.03
C ASP A 122 -1.77 4.36 -1.72
N VAL A 123 -2.49 3.57 -0.95
CA VAL A 123 -3.58 2.75 -1.43
C VAL A 123 -4.82 3.31 -0.77
N ILE A 124 -5.64 4.03 -1.53
CA ILE A 124 -6.84 4.61 -0.91
C ILE A 124 -8.13 3.98 -1.44
N PRO A 125 -9.02 3.56 -0.52
CA PRO A 125 -10.19 2.79 -0.94
C PRO A 125 -11.23 3.64 -1.67
N VAL A 126 -11.77 3.09 -2.75
CA VAL A 126 -12.81 3.75 -3.56
C VAL A 126 -14.00 2.81 -3.75
N ARG A 127 -15.22 3.35 -3.62
CA ARG A 127 -16.43 2.61 -3.95
C ARG A 127 -16.86 2.93 -5.37
N ARG A 128 -17.06 1.90 -6.18
CA ARG A 128 -17.46 2.08 -7.57
C ARG A 128 -18.88 2.60 -7.62
N ARG A 129 -19.15 3.60 -8.45
CA ARG A 129 -20.50 4.10 -8.59
C ARG A 129 -20.88 4.24 -10.06
N GLY A 130 -20.57 3.23 -10.87
CA GLY A 130 -20.74 3.32 -12.32
C GLY A 130 -19.50 2.98 -13.14
N ASP A 131 -19.72 2.77 -14.43
CA ASP A 131 -18.66 2.44 -15.40
C ASP A 131 -17.29 3.04 -15.10
N SER A 132 -17.25 4.37 -15.00
CA SER A 132 -16.02 5.12 -14.98
C SER A 132 -16.04 6.20 -13.90
N ARG A 133 -16.64 5.86 -12.77
CA ARG A 133 -16.85 6.82 -11.69
C ARG A 133 -16.94 6.03 -10.41
N GLY A 134 -16.25 6.52 -9.40
CA GLY A 134 -16.30 5.92 -8.07
C GLY A 134 -16.02 6.99 -7.04
N SER A 135 -16.45 6.77 -5.81
CA SER A 135 -16.31 7.77 -4.75
C SER A 135 -15.29 7.37 -3.68
N LEU A 136 -14.57 8.36 -3.16
CA LEU A 136 -13.57 8.18 -2.10
C LEU A 136 -14.26 8.00 -0.79
N LEU A 137 -13.77 7.07 0.02
CA LEU A 137 -14.41 6.85 1.32
C LEU A 137 -14.10 7.97 2.30
N SER A 138 -12.95 8.60 2.11
CA SER A 138 -12.65 9.81 2.85
C SER A 138 -12.00 10.80 1.90
N PRO A 139 -12.67 11.95 1.69
CA PRO A 139 -12.25 12.95 0.71
C PRO A 139 -10.82 13.45 0.98
N ARG A 140 -10.21 14.04 -0.04
CA ARG A 140 -8.85 14.50 0.08
C ARG A 140 -8.71 15.82 -0.64
N PRO A 141 -7.71 16.62 -0.27
CA PRO A 141 -7.35 17.84 -1.01
C PRO A 141 -6.98 17.47 -2.43
N ILE A 142 -7.46 18.27 -3.38
CA ILE A 142 -7.27 17.93 -4.77
C ILE A 142 -5.78 17.85 -5.10
N SER A 143 -4.98 18.63 -4.39
CA SER A 143 -3.52 18.66 -4.60
C SER A 143 -2.84 17.35 -4.24
N TYR A 144 -3.48 16.58 -3.36
CA TYR A 144 -3.00 15.28 -2.98
C TYR A 144 -2.98 14.31 -4.16
N LEU A 145 -3.80 14.59 -5.16
CA LEU A 145 -4.00 13.65 -6.25
C LEU A 145 -3.32 14.10 -7.52
N LYS A 146 -2.88 15.34 -7.55
CA LYS A 146 -2.19 15.85 -8.72
C LYS A 146 -0.92 15.02 -8.95
N GLY A 147 -0.76 14.50 -10.16
CA GLY A 147 0.39 13.68 -10.50
C GLY A 147 0.13 12.19 -10.31
N SER A 148 -1.08 11.86 -9.88
CA SER A 148 -1.47 10.46 -9.79
C SER A 148 -2.28 10.02 -11.01
N SER A 149 -2.59 10.96 -11.93
CA SER A 149 -3.30 10.58 -13.15
C SER A 149 -2.50 9.54 -13.93
N GLY A 150 -3.18 8.44 -14.25
CA GLY A 150 -2.59 7.32 -14.98
C GLY A 150 -2.30 6.15 -14.06
N GLY A 151 -2.45 6.35 -12.77
CA GLY A 151 -2.28 5.25 -11.82
C GLY A 151 -3.48 4.33 -11.82
N PRO A 152 -3.31 3.11 -11.30
CA PRO A 152 -4.35 2.10 -11.37
C PRO A 152 -5.36 2.16 -10.23
N LEU A 153 -6.57 1.69 -10.52
CA LEU A 153 -7.52 1.27 -9.50
C LEU A 153 -7.57 -0.24 -9.55
N LEU A 154 -7.53 -0.84 -8.36
CA LEU A 154 -7.47 -2.28 -8.27
C LEU A 154 -8.72 -2.88 -7.61
N CYS A 155 -9.05 -4.11 -7.97
CA CYS A 155 -10.04 -4.84 -7.20
C CYS A 155 -9.34 -5.44 -5.97
N PRO A 156 -10.12 -5.94 -5.00
CA PRO A 156 -9.51 -6.50 -3.80
C PRO A 156 -8.46 -7.57 -4.08
N ALA A 157 -8.38 -8.05 -5.32
CA ALA A 157 -7.49 -9.15 -5.68
C ALA A 157 -6.14 -8.61 -6.14
N GLY A 158 -6.13 -7.32 -6.46
CA GLY A 158 -4.96 -6.65 -7.01
C GLY A 158 -4.95 -6.67 -8.52
N HIS A 159 -6.12 -6.76 -9.11
CA HIS A 159 -6.19 -6.78 -10.56
C HIS A 159 -6.65 -5.43 -11.05
N ALA A 160 -6.27 -5.08 -12.27
CA ALA A 160 -6.55 -3.74 -12.76
C ALA A 160 -8.02 -3.60 -13.10
N VAL A 161 -8.65 -2.56 -12.56
CA VAL A 161 -10.03 -2.25 -12.91
C VAL A 161 -10.05 -1.01 -13.79
N GLY A 162 -9.18 -0.06 -13.50
CA GLY A 162 -9.12 1.13 -14.33
C GLY A 162 -7.92 2.02 -14.06
N LEU A 163 -7.71 3.02 -14.93
CA LEU A 163 -6.69 4.02 -14.69
C LEU A 163 -7.34 5.33 -14.33
N PHE A 164 -6.73 6.02 -13.37
CA PHE A 164 -7.22 7.27 -12.82
C PHE A 164 -7.07 8.36 -13.86
N ARG A 165 -8.17 9.05 -14.16
CA ARG A 165 -8.19 10.08 -15.19
C ARG A 165 -8.32 11.48 -14.62
N ALA A 166 -9.37 11.72 -13.84
CA ALA A 166 -9.68 13.06 -13.32
C ALA A 166 -10.42 13.03 -11.96
N ALA A 167 -10.29 14.12 -11.18
CA ALA A 167 -10.93 14.25 -9.87
C ALA A 167 -12.22 15.08 -9.90
N VAL A 168 -13.19 14.62 -9.11
CA VAL A 168 -14.49 15.27 -8.96
C VAL A 168 -14.48 16.08 -7.68
N CYS A 169 -14.48 17.39 -7.79
CA CYS A 169 -14.29 18.22 -6.62
C CYS A 169 -14.94 19.61 -6.60
N THR A 170 -14.95 20.19 -5.40
CA THR A 170 -15.37 21.59 -5.15
C THR A 170 -14.57 22.18 -3.97
N ARG A 171 -14.19 23.45 -4.12
CA ARG A 171 -13.34 24.19 -3.18
C ARG A 171 -11.96 23.54 -2.95
N GLY A 172 -11.52 22.70 -3.89
CA GLY A 172 -10.22 22.03 -3.78
C GLY A 172 -10.25 20.75 -2.95
N VAL A 173 -11.45 20.20 -2.77
CA VAL A 173 -11.61 18.94 -2.05
C VAL A 173 -12.22 17.96 -2.99
N ALA A 174 -11.49 16.89 -3.29
CA ALA A 174 -11.98 15.81 -4.14
C ALA A 174 -12.73 14.78 -3.30
N LYS A 175 -13.87 14.32 -3.82
CA LYS A 175 -14.75 13.39 -3.11
C LYS A 175 -15.06 12.16 -3.95
N ALA A 176 -14.81 12.29 -5.25
CA ALA A 176 -14.93 11.16 -6.17
C ALA A 176 -13.89 11.23 -7.28
N VAL A 177 -13.62 10.08 -7.88
CA VAL A 177 -12.66 9.97 -9.00
C VAL A 177 -13.29 9.44 -10.27
N ASP A 178 -12.81 9.98 -11.38
CA ASP A 178 -13.27 9.60 -12.69
C ASP A 178 -12.13 8.82 -13.32
N PHE A 179 -12.44 7.73 -14.00
CA PHE A 179 -11.35 6.87 -14.47
C PHE A 179 -11.63 6.11 -15.76
N ILE A 180 -10.57 5.70 -16.45
CA ILE A 180 -10.74 4.89 -17.67
C ILE A 180 -10.85 3.44 -17.24
N PRO A 181 -11.98 2.78 -17.54
CA PRO A 181 -12.15 1.39 -17.16
C PRO A 181 -11.30 0.51 -18.06
N VAL A 182 -10.87 -0.63 -17.51
CA VAL A 182 -10.10 -1.62 -18.25
C VAL A 182 -10.71 -2.01 -19.61
N GLU A 183 -12.04 -2.01 -19.70
CA GLU A 183 -12.75 -2.39 -20.92
C GLU A 183 -12.29 -1.54 -22.05
N ASN A 184 -12.26 -0.24 -21.80
CA ASN A 184 -11.88 0.75 -22.81
C ASN A 184 -10.51 0.47 -23.42
N LEU A 185 -9.62 -0.11 -22.62
CA LEU A 185 -8.31 -0.54 -23.09
C LEU A 185 -8.47 -1.55 -24.20
N GLU A 186 -9.16 -2.65 -23.90
CA GLU A 186 -9.45 -3.67 -24.91
C GLU A 186 -10.06 -3.09 -26.19
N THR A 187 -11.07 -2.24 -26.05
CA THR A 187 -11.61 -1.49 -27.18
C THR A 187 -10.51 -0.77 -27.99
N THR A 188 -9.55 -0.20 -27.28
CA THR A 188 -8.54 0.64 -27.91
C THR A 188 -7.49 -0.20 -28.64
N MET A 189 -7.26 -1.41 -28.12
CA MET A 189 -6.43 -2.38 -28.83
C MET A 189 -7.05 -2.81 -30.18
N ARG A 190 -8.39 -2.87 -30.25
CA ARG A 190 -9.17 -3.26 -31.47
C ARG A 190 -9.78 -2.08 -32.25
N GLN B 38 17.50 3.81 4.75
CA GLN B 38 16.51 4.56 5.56
C GLN B 38 15.07 4.06 5.27
N VAL B 39 14.91 2.74 5.19
CA VAL B 39 13.60 2.13 5.05
C VAL B 39 12.99 2.12 6.42
N GLU B 40 11.69 2.41 6.47
CA GLU B 40 10.98 2.46 7.74
C GLU B 40 9.92 1.37 7.82
N GLY B 41 9.82 0.72 8.99
CA GLY B 41 8.84 -0.34 9.23
C GLY B 41 7.59 0.07 9.97
N GLU B 42 6.45 -0.51 9.62
CA GLU B 42 5.22 -0.25 10.37
C GLU B 42 5.14 -1.14 11.61
N VAL B 43 5.82 -2.28 11.55
CA VAL B 43 5.71 -3.28 12.60
C VAL B 43 7.03 -3.57 13.25
N GLN B 44 7.08 -3.39 14.56
CA GLN B 44 8.31 -3.62 15.29
C GLN B 44 8.23 -4.96 15.99
N ILE B 45 9.36 -5.65 16.02
CA ILE B 45 9.53 -6.88 16.75
C ILE B 45 10.17 -6.55 18.10
N VAL B 46 9.45 -6.79 19.18
CA VAL B 46 9.91 -6.35 20.50
C VAL B 46 10.07 -7.48 21.51
N SER B 47 10.76 -7.17 22.63
CA SER B 47 11.15 -8.16 23.65
C SER B 47 11.21 -7.60 25.06
N THR B 48 10.62 -8.35 26.00
CA THR B 48 10.90 -8.22 27.44
C THR B 48 11.97 -9.25 27.82
N ALA B 49 12.28 -9.36 29.12
CA ALA B 49 13.24 -10.36 29.57
C ALA B 49 12.65 -11.76 29.35
N THR B 50 11.34 -11.88 29.60
CA THR B 50 10.59 -13.14 29.44
C THR B 50 10.09 -13.42 28.02
N GLN B 51 9.09 -12.67 27.54
CA GLN B 51 8.51 -12.92 26.20
C GLN B 51 9.17 -12.14 25.04
N THR B 52 8.68 -12.44 23.83
CA THR B 52 9.08 -11.76 22.61
C THR B 52 7.85 -11.70 21.73
N PHE B 53 7.46 -10.48 21.33
CA PHE B 53 6.18 -10.28 20.63
C PHE B 53 6.22 -9.05 19.70
N LEU B 54 5.05 -8.62 19.22
CA LEU B 54 5.00 -7.58 18.20
C LEU B 54 4.31 -6.28 18.65
N ALA B 55 4.69 -5.19 17.98
CA ALA B 55 4.05 -3.90 18.12
C ALA B 55 3.78 -3.33 16.74
N THR B 56 2.80 -2.42 16.66
CA THR B 56 2.33 -1.87 15.39
C THR B 56 2.10 -0.37 15.51
N CYS B 57 2.66 0.39 14.60
CA CYS B 57 2.43 1.82 14.67
C CYS B 57 1.18 2.17 13.94
N ILE B 58 0.28 2.86 14.63
CA ILE B 58 -0.91 3.37 13.98
C ILE B 58 -1.12 4.77 14.49
N ASN B 59 -1.33 5.69 13.55
CA ASN B 59 -1.54 7.10 13.88
C ASN B 59 -0.53 7.73 14.84
N GLY B 60 0.74 7.50 14.61
CA GLY B 60 1.81 8.13 15.39
C GLY B 60 2.14 7.41 16.68
N VAL B 61 1.30 6.45 17.05
CA VAL B 61 1.44 5.69 18.31
C VAL B 61 1.82 4.21 18.05
N CYS B 62 2.82 3.75 18.80
CA CYS B 62 3.30 2.39 18.68
C CYS B 62 2.60 1.52 19.72
N TRP B 63 1.56 0.83 19.28
CA TRP B 63 0.76 -0.03 20.12
C TRP B 63 1.32 -1.44 20.21
N THR B 64 0.96 -2.12 21.29
CA THR B 64 1.18 -3.55 21.46
C THR B 64 0.20 -4.13 22.50
N VAL B 65 0.51 -5.32 23.02
CA VAL B 65 -0.37 -5.98 23.98
C VAL B 65 0.06 -5.82 25.43
N TYR B 66 -0.94 -5.62 26.30
CA TYR B 66 -0.66 -5.52 27.72
C TYR B 66 -0.03 -6.80 28.28
N HIS B 67 -0.53 -7.95 27.86
CA HIS B 67 -0.01 -9.20 28.40
C HIS B 67 1.45 -9.43 28.01
N GLY B 68 1.98 -8.59 27.13
CA GLY B 68 3.38 -8.68 26.77
C GLY B 68 4.17 -7.58 27.43
N ALA B 69 3.62 -6.38 27.33
CA ALA B 69 4.31 -5.17 27.73
C ALA B 69 4.25 -4.88 29.23
N GLY B 70 3.13 -5.22 29.86
CA GLY B 70 2.85 -4.76 31.20
C GLY B 70 2.73 -3.25 31.12
N THR B 71 3.33 -2.56 32.09
CA THR B 71 3.42 -1.09 32.08
C THR B 71 4.85 -0.66 31.84
N ARG B 72 5.65 -1.53 31.21
CA ARG B 72 7.04 -1.20 30.97
C ARG B 72 7.17 0.03 30.09
N THR B 73 8.31 0.72 30.22
CA THR B 73 8.72 1.75 29.28
C THR B 73 9.32 1.07 28.06
N ILE B 74 9.35 1.78 26.95
CA ILE B 74 10.06 1.33 25.75
C ILE B 74 11.41 2.05 25.65
N ALA B 75 12.44 1.33 25.22
CA ALA B 75 13.79 1.87 25.18
C ALA B 75 13.95 2.86 24.04
N SER B 76 14.82 3.84 24.24
CA SER B 76 15.19 4.79 23.19
C SER B 76 16.65 5.19 23.45
N PRO B 77 17.32 5.84 22.49
CA PRO B 77 18.72 6.04 22.84
C PRO B 77 18.91 7.27 23.73
N LYS B 78 17.82 7.96 24.04
CA LYS B 78 17.82 9.05 25.01
C LYS B 78 17.29 8.57 26.33
N GLY B 79 17.03 7.27 26.43
CA GLY B 79 16.55 6.70 27.67
C GLY B 79 15.14 6.20 27.54
N PRO B 80 14.57 5.66 28.63
CA PRO B 80 13.25 5.06 28.62
C PRO B 80 12.22 6.06 28.21
N VAL B 81 11.17 5.59 27.55
CA VAL B 81 10.02 6.44 27.22
C VAL B 81 8.77 5.77 27.79
N ILE B 82 7.97 6.54 28.54
CA ILE B 82 6.81 5.99 29.24
C ILE B 82 5.60 5.75 28.32
N GLN B 83 4.74 4.81 28.70
CA GLN B 83 3.52 4.53 27.95
C GLN B 83 2.66 5.78 27.89
N MET B 84 2.05 6.00 26.74
CA MET B 84 1.25 7.17 26.49
C MET B 84 -0.19 6.78 26.77
N TYR B 85 -0.45 5.50 26.61
CA TYR B 85 -1.77 4.94 26.85
C TYR B 85 -1.64 3.59 27.53
N THR B 86 -2.49 3.35 28.51
CA THR B 86 -2.59 2.06 29.14
C THR B 86 -4.07 1.77 29.30
N ASN B 87 -4.49 0.58 28.88
CA ASN B 87 -5.89 0.17 28.98
C ASN B 87 -6.05 -1.30 29.31
N VAL B 88 -5.79 -1.63 30.58
CA VAL B 88 -5.69 -3.01 31.05
C VAL B 88 -6.86 -3.88 30.65
N ASP B 89 -8.03 -3.26 30.50
CA ASP B 89 -9.23 -3.95 30.04
C ASP B 89 -8.95 -4.61 28.69
N GLN B 90 -8.62 -3.79 27.70
CA GLN B 90 -8.53 -4.26 26.33
C GLN B 90 -7.22 -4.93 25.95
N ASP B 91 -6.38 -5.27 26.93
CA ASP B 91 -5.04 -5.84 26.68
C ASP B 91 -4.16 -4.90 25.79
N LEU B 92 -4.36 -3.58 25.95
CA LEU B 92 -3.82 -2.58 25.04
C LEU B 92 -2.92 -1.53 25.69
N VAL B 93 -1.71 -1.41 25.17
CA VAL B 93 -0.70 -0.44 25.60
C VAL B 93 -0.18 0.30 24.37
N GLY B 94 0.13 1.59 24.51
CA GLY B 94 0.75 2.32 23.41
C GLY B 94 1.81 3.33 23.84
N TRP B 95 2.97 3.27 23.19
CA TRP B 95 3.97 4.31 23.32
C TRP B 95 4.00 5.24 22.12
N PRO B 96 4.69 6.39 22.23
CA PRO B 96 5.00 7.26 21.10
C PRO B 96 5.88 6.54 20.10
N ALA B 97 5.49 6.52 18.82
CA ALA B 97 6.19 5.70 17.83
C ALA B 97 7.67 6.01 17.75
N PRO B 98 8.53 4.99 17.78
CA PRO B 98 9.98 5.23 17.87
C PRO B 98 10.57 5.67 16.55
N GLN B 99 11.90 5.82 16.50
CA GLN B 99 12.60 6.18 15.28
C GLN B 99 12.76 5.00 14.33
N GLY B 100 12.58 5.25 13.03
CA GLY B 100 12.70 4.20 12.02
C GLY B 100 11.38 3.47 11.85
N SER B 101 10.30 4.22 12.08
CA SER B 101 8.95 3.68 12.07
C SER B 101 8.08 4.60 11.26
N ARG B 102 7.02 4.01 10.70
CA ARG B 102 5.99 4.75 9.99
C ARG B 102 4.65 4.14 10.38
N SER B 103 3.62 4.98 10.47
CA SER B 103 2.31 4.57 10.93
C SER B 103 1.42 4.05 9.83
N LEU B 104 0.52 3.14 10.19
CA LEU B 104 -0.56 2.73 9.32
C LEU B 104 -1.74 3.66 9.49
N THR B 105 -2.68 3.59 8.57
CA THR B 105 -3.95 4.29 8.71
C THR B 105 -5.05 3.28 9.01
N PRO B 106 -5.99 3.64 9.91
CA PRO B 106 -7.14 2.76 10.19
C PRO B 106 -7.95 2.44 8.94
N CYS B 107 -8.32 1.16 8.76
CA CYS B 107 -9.12 0.74 7.61
C CYS B 107 -10.45 1.46 7.59
N THR B 108 -10.85 1.92 6.42
CA THR B 108 -12.07 2.69 6.27
C THR B 108 -13.01 2.11 5.22
N CYS B 109 -12.58 1.03 4.57
CA CYS B 109 -13.38 0.37 3.55
C CYS B 109 -14.33 -0.68 4.15
N GLY B 110 -14.08 -1.06 5.40
CA GLY B 110 -14.93 -2.00 6.10
C GLY B 110 -14.98 -3.42 5.56
N SER B 111 -14.13 -3.74 4.60
CA SER B 111 -14.02 -5.12 4.08
C SER B 111 -13.92 -6.16 5.20
N SER B 112 -14.30 -7.40 4.88
CA SER B 112 -14.26 -8.51 5.84
C SER B 112 -13.12 -9.48 5.54
N ASP B 113 -12.38 -9.19 4.47
CA ASP B 113 -11.25 -10.00 4.06
C ASP B 113 -10.00 -9.43 4.71
N LEU B 114 -9.41 -10.18 5.62
CA LEU B 114 -8.33 -9.64 6.41
C LEU B 114 -7.10 -10.46 6.24
N TYR B 115 -5.98 -9.88 6.67
CA TYR B 115 -4.68 -10.51 6.56
C TYR B 115 -3.88 -10.24 7.83
N LEU B 116 -3.56 -11.32 8.53
CA LEU B 116 -2.72 -11.23 9.71
C LEU B 116 -1.27 -11.24 9.27
N VAL B 117 -0.42 -10.47 9.95
CA VAL B 117 1.00 -10.52 9.65
C VAL B 117 1.74 -11.09 10.83
N THR B 118 2.48 -12.16 10.60
CA THR B 118 3.17 -12.84 11.69
C THR B 118 4.47 -12.13 11.96
N ARG B 119 5.17 -12.57 13.01
CA ARG B 119 6.47 -12.03 13.34
C ARG B 119 7.53 -12.67 12.44
N HIS B 120 7.14 -13.60 11.58
CA HIS B 120 8.06 -14.08 10.57
C HIS B 120 7.72 -13.45 9.23
N ALA B 121 6.90 -12.40 9.27
CA ALA B 121 6.41 -11.71 8.09
C ALA B 121 5.70 -12.66 7.13
N ASP B 122 5.05 -13.67 7.67
CA ASP B 122 4.12 -14.48 6.90
C ASP B 122 2.76 -13.75 6.87
N VAL B 123 2.01 -13.94 5.80
CA VAL B 123 0.68 -13.33 5.72
C VAL B 123 -0.38 -14.41 5.78
N ILE B 124 -1.34 -14.24 6.67
CA ILE B 124 -2.39 -15.22 6.88
C ILE B 124 -3.75 -14.62 6.55
N PRO B 125 -4.39 -15.11 5.48
CA PRO B 125 -5.77 -14.69 5.19
C PRO B 125 -6.73 -15.12 6.31
N VAL B 126 -7.68 -14.26 6.63
CA VAL B 126 -8.56 -14.38 7.79
C VAL B 126 -9.88 -13.71 7.44
N ARG B 127 -10.99 -14.38 7.73
CA ARG B 127 -12.30 -13.85 7.38
C ARG B 127 -12.98 -13.32 8.61
N ARG B 128 -13.34 -12.04 8.56
CA ARG B 128 -13.93 -11.36 9.70
C ARG B 128 -15.28 -11.96 10.08
N ARG B 129 -15.39 -12.45 11.32
CA ARG B 129 -16.68 -12.87 11.88
C ARG B 129 -17.36 -11.65 12.51
N GLY B 130 -17.18 -11.48 13.81
CA GLY B 130 -17.83 -10.41 14.58
C GLY B 130 -17.08 -9.09 14.55
N ASP B 131 -16.71 -8.61 15.73
CA ASP B 131 -15.99 -7.35 15.85
C ASP B 131 -14.51 -7.61 16.02
N SER B 132 -14.20 -8.80 16.53
CA SER B 132 -12.86 -9.11 17.04
C SER B 132 -12.55 -10.58 16.87
N ARG B 133 -13.36 -11.22 16.05
CA ARG B 133 -13.19 -12.61 15.71
C ARG B 133 -12.95 -12.65 14.20
N GLY B 134 -12.00 -13.48 13.79
CA GLY B 134 -11.82 -13.78 12.38
C GLY B 134 -11.34 -15.20 12.27
N SER B 135 -11.66 -15.88 11.17
CA SER B 135 -11.31 -17.30 11.03
C SER B 135 -10.33 -17.52 9.89
N LEU B 136 -9.25 -18.27 10.17
CA LEU B 136 -8.26 -18.54 9.14
C LEU B 136 -8.85 -19.35 8.00
N LEU B 137 -8.80 -18.82 6.79
CA LEU B 137 -9.21 -19.55 5.59
C LEU B 137 -8.40 -20.84 5.47
N SER B 138 -7.28 -20.90 6.18
CA SER B 138 -6.48 -22.13 6.27
C SER B 138 -5.89 -22.27 7.67
N PRO B 139 -6.49 -23.15 8.51
CA PRO B 139 -6.04 -23.24 9.89
C PRO B 139 -4.67 -23.89 9.91
N ARG B 140 -3.87 -23.60 10.94
CA ARG B 140 -2.49 -24.13 11.03
C ARG B 140 -1.92 -24.24 12.45
N PRO B 141 -0.79 -24.99 12.61
CA PRO B 141 -0.11 -25.17 13.89
C PRO B 141 0.00 -23.89 14.68
N ILE B 142 -0.18 -23.99 15.99
CA ILE B 142 -0.14 -22.82 16.85
C ILE B 142 1.27 -22.20 16.89
N SER B 143 2.29 -23.03 16.69
CA SER B 143 3.69 -22.56 16.71
C SER B 143 3.96 -21.55 15.60
N TYR B 144 3.10 -21.57 14.59
CA TYR B 144 3.20 -20.68 13.47
C TYR B 144 2.75 -19.26 13.81
N LEU B 145 2.11 -19.06 14.97
CA LEU B 145 1.75 -17.69 15.36
C LEU B 145 2.37 -17.27 16.68
N LYS B 146 3.34 -18.03 17.18
CA LYS B 146 3.99 -17.64 18.43
C LYS B 146 4.88 -16.45 18.19
N GLY B 147 4.74 -15.49 19.09
CA GLY B 147 5.51 -14.25 19.08
C GLY B 147 4.86 -13.17 18.26
N SER B 148 3.59 -13.36 17.94
CA SER B 148 2.92 -12.52 16.96
C SER B 148 1.80 -11.68 17.50
N SER B 149 1.49 -11.81 18.78
CA SER B 149 0.42 -10.98 19.36
C SER B 149 0.92 -9.55 19.33
N GLY B 150 0.02 -8.63 18.98
CA GLY B 150 0.40 -7.25 18.75
C GLY B 150 0.74 -6.99 17.30
N GLY B 151 0.75 -8.06 16.50
CA GLY B 151 0.81 -7.97 15.04
C GLY B 151 -0.46 -7.36 14.48
N PRO B 152 -0.43 -6.90 13.23
CA PRO B 152 -1.63 -6.25 12.74
C PRO B 152 -2.51 -7.17 11.92
N LEU B 153 -3.74 -6.71 11.69
CA LEU B 153 -4.65 -7.32 10.76
C LEU B 153 -5.05 -6.22 9.80
N LEU B 154 -4.79 -6.44 8.51
CA LEU B 154 -4.98 -5.42 7.50
C LEU B 154 -6.07 -5.80 6.52
N CYS B 155 -6.77 -4.80 5.99
CA CYS B 155 -7.75 -5.01 4.95
C CYS B 155 -7.05 -5.12 3.59
N PRO B 156 -7.79 -5.45 2.52
CA PRO B 156 -7.29 -5.47 1.14
C PRO B 156 -6.36 -4.33 0.84
N ALA B 157 -6.72 -3.11 1.26
CA ALA B 157 -5.89 -1.90 1.10
C ALA B 157 -4.63 -1.86 1.97
N GLY B 158 -4.48 -2.83 2.87
CA GLY B 158 -3.32 -2.86 3.77
C GLY B 158 -3.38 -1.86 4.90
N HIS B 159 -4.57 -1.30 5.11
CA HIS B 159 -4.86 -0.37 6.20
C HIS B 159 -5.16 -1.17 7.46
N ALA B 160 -5.07 -0.55 8.64
CA ALA B 160 -5.16 -1.31 9.92
C ALA B 160 -6.58 -1.55 10.42
N VAL B 161 -6.87 -2.83 10.69
CA VAL B 161 -8.19 -3.30 11.13
C VAL B 161 -8.19 -3.68 12.61
N GLY B 162 -7.07 -4.25 13.08
CA GLY B 162 -6.91 -4.53 14.49
C GLY B 162 -5.58 -5.15 14.85
N LEU B 163 -5.30 -5.21 16.15
CA LEU B 163 -4.12 -5.88 16.65
C LEU B 163 -4.51 -7.24 17.11
N PHE B 164 -3.61 -8.19 16.97
CA PHE B 164 -3.94 -9.57 17.23
C PHE B 164 -3.61 -9.93 18.68
N ARG B 165 -4.60 -10.53 19.36
CA ARG B 165 -4.59 -10.75 20.81
C ARG B 165 -4.41 -12.22 21.25
N ALA B 166 -5.25 -13.10 20.70
CA ALA B 166 -5.22 -14.54 21.04
C ALA B 166 -5.78 -15.48 19.96
N ALA B 167 -5.37 -16.74 20.06
CA ALA B 167 -5.75 -17.77 19.11
C ALA B 167 -6.88 -18.67 19.63
N VAL B 168 -8.00 -18.69 18.90
CA VAL B 168 -9.05 -19.71 19.05
C VAL B 168 -8.44 -21.02 18.56
N CYS B 169 -8.49 -22.08 19.36
CA CYS B 169 -7.98 -23.36 18.85
C CYS B 169 -8.30 -24.70 19.55
N THR B 170 -8.65 -25.67 18.69
CA THR B 170 -8.65 -27.09 19.02
C THR B 170 -7.20 -27.53 19.28
N ARG B 171 -7.03 -28.66 19.98
CA ARG B 171 -5.67 -29.14 20.34
C ARG B 171 -4.74 -29.17 19.12
N GLY B 172 -3.50 -28.70 19.34
CA GLY B 172 -2.52 -28.48 18.27
C GLY B 172 -2.71 -27.23 17.41
N VAL B 173 -3.94 -26.99 16.96
CA VAL B 173 -4.20 -26.20 15.76
C VAL B 173 -5.05 -24.94 15.90
N ALA B 174 -4.42 -23.80 15.65
CA ALA B 174 -5.06 -22.48 15.62
C ALA B 174 -6.04 -22.35 14.46
N LYS B 175 -7.25 -21.89 14.76
CA LYS B 175 -8.36 -21.98 13.81
C LYS B 175 -9.05 -20.63 13.54
N ALA B 176 -9.00 -19.75 14.53
CA ALA B 176 -9.52 -18.39 14.39
C ALA B 176 -8.72 -17.50 15.34
N VAL B 177 -8.97 -16.19 15.29
CA VAL B 177 -8.17 -15.25 16.09
C VAL B 177 -9.00 -14.21 16.78
N ASP B 178 -8.51 -13.83 17.95
CA ASP B 178 -9.08 -12.73 18.67
C ASP B 178 -8.19 -11.52 18.46
N PHE B 179 -8.80 -10.37 18.22
CA PHE B 179 -8.02 -9.19 18.00
C PHE B 179 -8.65 -7.93 18.56
N ILE B 180 -7.82 -7.02 19.05
CA ILE B 180 -8.30 -5.69 19.44
C ILE B 180 -8.72 -4.90 18.21
N PRO B 181 -9.99 -4.52 18.12
CA PRO B 181 -10.40 -3.72 16.96
C PRO B 181 -9.82 -2.31 17.04
N VAL B 182 -9.83 -1.61 15.91
CA VAL B 182 -9.09 -0.35 15.76
C VAL B 182 -9.79 0.83 16.40
N GLU B 183 -11.11 0.78 16.43
CA GLU B 183 -11.95 1.83 17.03
C GLU B 183 -11.65 1.95 18.52
N ASN B 184 -11.21 0.84 19.11
CA ASN B 184 -10.75 0.82 20.49
C ASN B 184 -9.54 1.72 20.68
N LEU B 185 -8.67 1.75 19.67
CA LEU B 185 -7.49 2.60 19.70
C LEU B 185 -7.86 4.08 19.57
N GLU B 186 -8.67 4.40 18.58
CA GLU B 186 -9.12 5.77 18.33
C GLU B 186 -9.86 6.38 19.54
N THR B 187 -10.57 5.54 20.29
CA THR B 187 -11.32 5.98 21.47
C THR B 187 -10.55 5.73 22.78
N THR B 188 -9.37 5.13 22.69
CA THR B 188 -8.41 5.23 23.78
C THR B 188 -7.68 6.55 23.58
N MET B 189 -7.54 6.98 22.33
CA MET B 189 -6.88 8.25 21.99
C MET B 189 -7.69 9.49 22.38
N ARG B 190 -8.99 9.29 22.63
CA ARG B 190 -9.91 10.36 22.98
C ARG B 190 -10.55 10.16 24.36
N LYS C 2 9.51 18.01 -30.27
CA LYS C 2 9.00 17.86 -28.85
C LYS C 2 9.71 16.73 -28.08
N GLY C 3 9.89 16.90 -26.77
CA GLY C 3 10.68 15.94 -25.95
C GLY C 3 9.98 14.65 -25.53
N SER C 4 10.77 13.58 -25.37
CA SER C 4 10.30 12.25 -24.98
C SER C 4 9.75 12.23 -23.56
N VAL C 5 8.74 11.39 -23.29
CA VAL C 5 8.27 11.10 -21.92
C VAL C 5 9.35 10.29 -21.24
N VAL C 6 9.58 10.56 -19.95
CA VAL C 6 10.66 9.91 -19.20
C VAL C 6 10.26 9.25 -17.85
N ILE C 7 10.71 8.02 -17.64
CA ILE C 7 10.59 7.38 -16.35
C ILE C 7 11.58 7.98 -15.36
N VAL C 8 11.07 8.44 -14.22
CA VAL C 8 11.86 9.07 -13.17
C VAL C 8 11.72 8.35 -11.80
N GLY C 9 10.82 7.37 -11.74
CA GLY C 9 10.59 6.60 -10.54
C GLY C 9 9.68 5.45 -10.85
N ARG C 10 9.38 4.66 -9.82
CA ARG C 10 8.57 3.47 -9.96
C ARG C 10 7.74 3.29 -8.73
N ILE C 11 6.59 2.63 -8.87
CA ILE C 11 5.86 2.10 -7.71
C ILE C 11 5.77 0.57 -7.75
N VAL C 12 6.10 -0.10 -6.65
CA VAL C 12 6.13 -1.55 -6.67
C VAL C 12 5.06 -2.15 -5.80
N LEU C 13 4.12 -2.85 -6.45
CA LEU C 13 3.03 -3.50 -5.73
C LEU C 13 3.42 -4.91 -5.34
N SER C 14 4.18 -5.54 -6.21
CA SER C 14 4.47 -6.95 -6.06
C SER C 14 5.29 -7.28 -4.81
N GLY C 15 5.75 -6.26 -4.08
CA GLY C 15 6.51 -6.50 -2.86
C GLY C 15 5.60 -7.04 -1.79
N LYS C 16 6.10 -7.96 -0.98
CA LYS C 16 5.32 -8.51 0.13
C LYS C 16 6.05 -8.26 1.45
N PRO C 17 5.32 -8.28 2.58
CA PRO C 17 5.92 -7.91 3.85
C PRO C 17 7.25 -8.57 4.14
N ALA C 18 8.22 -7.82 4.65
CA ALA C 18 9.54 -8.36 4.89
C ALA C 18 10.22 -7.82 6.17
N ILE C 19 11.08 -8.64 6.77
CA ILE C 19 11.91 -8.19 7.89
C ILE C 19 13.03 -7.35 7.32
N ILE C 20 13.11 -6.10 7.79
CA ILE C 20 14.12 -5.19 7.35
C ILE C 20 15.46 -5.76 7.77
N PRO C 21 16.32 -6.05 6.78
CA PRO C 21 17.60 -6.72 7.04
C PRO C 21 18.52 -5.89 7.91
N LYS C 22 19.40 -6.55 8.66
CA LYS C 22 20.34 -5.79 9.46
C LYS C 22 21.76 -5.92 8.97
N GLY D 3 11.79 -2.93 34.47
CA GLY D 3 11.98 -3.53 33.11
C GLY D 3 11.65 -2.60 31.93
N SER D 4 12.32 -2.82 30.80
CA SER D 4 12.21 -1.95 29.63
C SER D 4 11.94 -2.76 28.35
N VAL D 5 10.94 -2.36 27.56
CA VAL D 5 10.61 -3.06 26.31
C VAL D 5 11.55 -2.61 25.20
N VAL D 6 12.11 -3.60 24.51
CA VAL D 6 13.25 -3.40 23.64
C VAL D 6 12.97 -3.80 22.17
N ILE D 7 13.65 -3.15 21.21
CA ILE D 7 13.38 -3.47 19.79
C ILE D 7 14.43 -4.36 19.14
N VAL D 8 13.98 -5.51 18.62
CA VAL D 8 14.88 -6.53 18.06
C VAL D 8 14.83 -6.69 16.55
N GLY D 9 13.92 -5.97 15.91
CA GLY D 9 13.74 -6.10 14.48
C GLY D 9 12.57 -5.25 14.06
N ARG D 10 12.46 -5.06 12.74
CA ARG D 10 11.38 -4.31 12.13
C ARG D 10 10.83 -5.04 10.90
N ILE D 11 9.61 -4.70 10.52
CA ILE D 11 8.97 -5.34 9.38
C ILE D 11 8.38 -4.25 8.51
N VAL D 12 8.78 -4.22 7.25
CA VAL D 12 8.18 -3.28 6.33
C VAL D 12 7.12 -4.02 5.54
N LEU D 13 5.91 -3.51 5.56
CA LEU D 13 4.82 -4.19 4.87
C LEU D 13 4.84 -4.18 3.34
N SER D 14 5.33 -3.10 2.74
CA SER D 14 5.43 -3.00 1.29
C SER D 14 6.56 -3.87 0.73
N GLY D 15 7.49 -4.27 1.60
CA GLY D 15 8.64 -5.07 1.21
C GLY D 15 9.71 -4.23 0.55
N LYS D 16 9.69 -2.92 0.80
CA LYS D 16 10.69 -1.99 0.27
C LYS D 16 12.11 -2.35 0.69
N PRO D 17 13.04 -2.40 -0.28
CA PRO D 17 14.42 -2.81 -0.06
C PRO D 17 15.33 -1.64 0.33
N ALA D 18 16.55 -1.96 0.79
CA ALA D 18 17.54 -0.99 1.33
C ALA D 18 17.54 0.46 0.74
#